data_7SP3
#
_entry.id   7SP3
#
_cell.length_a   79.390
_cell.length_b   36.384
_cell.length_c   57.801
_cell.angle_alpha   90.000
_cell.angle_beta   102.101
_cell.angle_gamma   90.000
#
_symmetry.space_group_name_H-M   'C 1 2 1'
#
loop_
_entity.id
_entity.type
_entity.pdbx_description
1 polymer 'RNA pyrophosphohydrolase'
2 non-polymer "BIS(ADENOSINE)-5'-TETRAPHOSPHATE"
3 non-polymer 'MAGNESIUM ION'
4 non-polymer 'FLUORIDE ION'
5 non-polymer 'CHLORIDE ION'
6 water water
#
_entity_poly.entity_id   1
_entity_poly.type   'polypeptide(L)'
_entity_poly.pdbx_seq_one_letter_code
;SMIDDDGYRPNVGIVICNRQGQVMWARRFGQHSWQFPQGGINPGESAEQAMYRELFEEVGLSRKDVRILASTRNWLRYKL
PKRLVRWDTKPVCIGQKQKWFLLQLVSGDAEINMQTSSTPEFDGWRWVSYWYPVRQVVSFKRDVYRRVMKEFASVVMSLA
A
;
_entity_poly.pdbx_strand_id   A
#
# COMPACT_ATOMS: atom_id res chain seq x y z
N MET A 2 0.81 19.53 1.12
CA MET A 2 0.28 18.94 -0.10
C MET A 2 1.31 18.99 -1.23
N ILE A 3 0.85 19.34 -2.44
CA ILE A 3 1.70 19.22 -3.63
C ILE A 3 2.85 20.22 -3.54
N ASP A 4 4.07 19.74 -3.75
CA ASP A 4 5.23 20.60 -3.65
C ASP A 4 5.53 21.27 -4.99
N ASP A 5 6.64 22.00 -5.06
CA ASP A 5 6.95 22.80 -6.24
C ASP A 5 7.13 21.95 -7.49
N ASP A 6 7.52 20.68 -7.34
CA ASP A 6 7.74 19.81 -8.48
C ASP A 6 6.45 19.22 -9.03
N GLY A 7 5.32 19.40 -8.35
CA GLY A 7 4.08 18.82 -8.78
C GLY A 7 3.80 17.44 -8.23
N TYR A 8 4.56 16.98 -7.23
CA TYR A 8 4.42 15.63 -6.69
C TYR A 8 3.65 15.67 -5.38
N ARG A 9 2.62 14.83 -5.28
CA ARG A 9 1.89 14.68 -4.04
C ARG A 9 2.68 13.77 -3.10
N PRO A 10 3.01 14.22 -1.89
CA PRO A 10 3.62 13.30 -0.92
C PRO A 10 2.61 12.24 -0.52
N ASN A 11 3.07 10.99 -0.49
CA ASN A 11 2.18 9.84 -0.47
C ASN A 11 2.88 8.71 0.27
N VAL A 12 2.11 7.85 0.93
CA VAL A 12 2.65 6.64 1.56
C VAL A 12 2.01 5.42 0.92
N GLY A 13 2.79 4.36 0.75
CA GLY A 13 2.29 3.10 0.21
C GLY A 13 2.56 1.98 1.20
N ILE A 14 1.72 0.95 1.15
CA ILE A 14 1.70 -0.07 2.21
C ILE A 14 1.74 -1.46 1.58
N VAL A 15 2.79 -2.21 1.92
CA VAL A 15 2.90 -3.63 1.59
C VAL A 15 2.65 -4.42 2.88
N ILE A 16 1.55 -5.16 2.93
CA ILE A 16 1.19 -5.97 4.08
C ILE A 16 1.48 -7.42 3.74
N CYS A 17 2.27 -8.08 4.58
CA CYS A 17 2.65 -9.47 4.35
C CYS A 17 2.23 -10.37 5.52
N ASN A 18 2.27 -11.67 5.25
CA ASN A 18 2.05 -12.68 6.29
C ASN A 18 3.33 -13.50 6.37
N ARG A 19 3.26 -14.67 7.01
CA ARG A 19 4.42 -15.54 7.19
C ARG A 19 4.46 -16.66 6.16
N GLN A 20 3.71 -16.52 5.06
CA GLN A 20 3.64 -17.54 4.03
CA GLN A 20 3.64 -17.53 4.03
C GLN A 20 4.16 -17.03 2.69
N GLY A 21 4.94 -15.94 2.71
CA GLY A 21 5.49 -15.41 1.48
C GLY A 21 4.51 -14.62 0.63
N GLN A 22 3.42 -14.18 1.21
CA GLN A 22 2.34 -13.55 0.47
C GLN A 22 2.19 -12.09 0.89
N VAL A 23 1.58 -11.30 0.00
CA VAL A 23 1.28 -9.90 0.30
C VAL A 23 -0.19 -9.63 0.01
N MET A 24 -0.70 -8.60 0.67
CA MET A 24 -2.12 -8.25 0.57
C MET A 24 -2.37 -7.45 -0.71
N TRP A 25 -3.25 -7.96 -1.56
CA TRP A 25 -3.56 -7.38 -2.87
C TRP A 25 -5.01 -6.93 -2.84
N ALA A 26 -5.28 -5.66 -3.13
CA ALA A 26 -6.61 -5.10 -2.94
C ALA A 26 -7.18 -4.61 -4.27
N ARG A 27 -8.50 -4.78 -4.45
CA ARG A 27 -9.12 -4.43 -5.72
C ARG A 27 -9.76 -3.06 -5.65
N ARG A 28 -9.33 -2.18 -6.55
CA ARG A 28 -9.82 -0.80 -6.58
C ARG A 28 -11.34 -0.79 -6.69
N PHE A 29 -11.98 0.05 -5.87
CA PHE A 29 -13.42 0.11 -5.74
C PHE A 29 -14.09 0.27 -7.10
N GLY A 30 -14.93 -0.70 -7.45
CA GLY A 30 -15.69 -0.64 -8.69
C GLY A 30 -14.86 -0.63 -9.96
N GLN A 31 -13.63 -1.14 -9.90
CA GLN A 31 -12.79 -1.27 -11.08
C GLN A 31 -12.35 -2.73 -11.20
N HIS A 32 -11.45 -2.98 -12.14
CA HIS A 32 -10.88 -4.31 -12.34
C HIS A 32 -9.41 -4.38 -11.99
N SER A 33 -8.82 -3.28 -11.56
CA SER A 33 -7.40 -3.23 -11.30
C SER A 33 -7.16 -3.41 -9.81
N TRP A 34 -6.04 -4.04 -9.49
CA TRP A 34 -5.64 -4.33 -8.12
C TRP A 34 -4.34 -3.60 -7.82
N GLN A 35 -4.08 -3.38 -6.53
CA GLN A 35 -2.90 -2.59 -6.14
C GLN A 35 -2.71 -2.71 -4.64
N PHE A 36 -1.60 -2.11 -4.14
CA PHE A 36 -1.39 -1.97 -2.71
C PHE A 36 -2.10 -0.71 -2.21
N PRO A 37 -2.47 -0.64 -0.93
CA PRO A 37 -2.95 0.62 -0.38
C PRO A 37 -1.91 1.72 -0.51
N GLN A 38 -2.39 2.92 -0.79
CA GLN A 38 -1.55 4.11 -0.79
C GLN A 38 -2.41 5.34 -0.53
N GLY A 39 -1.82 6.36 0.05
CA GLY A 39 -2.60 7.57 0.23
C GLY A 39 -1.73 8.75 0.51
N GLY A 40 -2.35 9.93 0.42
CA GLY A 40 -1.60 11.16 0.54
C GLY A 40 -1.27 11.51 1.99
N ILE A 41 -0.11 12.13 2.17
CA ILE A 41 0.29 12.65 3.47
C ILE A 41 -0.36 14.02 3.65
N ASN A 42 -1.13 14.18 4.71
CA ASN A 42 -1.80 15.46 4.92
C ASN A 42 -0.84 16.45 5.59
N PRO A 43 -1.08 17.75 5.41
CA PRO A 43 -0.17 18.75 6.01
C PRO A 43 -0.08 18.58 7.52
N GLY A 44 1.15 18.57 8.03
CA GLY A 44 1.37 18.40 9.44
C GLY A 44 1.57 16.96 9.88
N GLU A 45 1.41 16.00 8.96
CA GLU A 45 1.61 14.59 9.28
C GLU A 45 3.03 14.17 8.96
N SER A 46 3.58 13.32 9.82
CA SER A 46 4.72 12.51 9.47
C SER A 46 4.27 11.39 8.53
N ALA A 47 5.22 10.87 7.75
CA ALA A 47 4.93 9.74 6.87
C ALA A 47 4.30 8.57 7.64
N GLU A 48 4.87 8.23 8.79
CA GLU A 48 4.35 7.09 9.55
C GLU A 48 2.93 7.35 10.03
N GLN A 49 2.65 8.57 10.48
CA GLN A 49 1.28 8.95 10.85
C GLN A 49 0.32 8.76 9.70
N ALA A 50 0.69 9.28 8.52
CA ALA A 50 -0.19 9.17 7.35
C ALA A 50 -0.38 7.72 6.99
N MET A 51 0.68 6.92 7.13
CA MET A 51 0.58 5.48 6.86
C MET A 51 -0.47 4.84 7.77
N TYR A 52 -0.40 5.08 9.09
CA TYR A 52 -1.35 4.44 9.99
C TYR A 52 -2.78 4.94 9.75
N ARG A 53 -2.92 6.23 9.41
CA ARG A 53 -4.25 6.74 9.10
C ARG A 53 -4.83 6.05 7.87
N GLU A 54 -4.08 6.02 6.77
CA GLU A 54 -4.58 5.41 5.55
C GLU A 54 -4.75 3.91 5.72
N LEU A 55 -3.93 3.29 6.57
CA LEU A 55 -4.09 1.87 6.87
C LEU A 55 -5.47 1.59 7.44
N PHE A 56 -5.92 2.39 8.40
CA PHE A 56 -7.27 2.19 8.90
C PHE A 56 -8.32 2.59 7.87
N GLU A 57 -8.17 3.77 7.24
CA GLU A 57 -9.16 4.23 6.27
C GLU A 57 -9.41 3.21 5.17
N GLU A 58 -8.35 2.62 4.64
CA GLU A 58 -8.48 1.78 3.45
C GLU A 58 -8.60 0.30 3.77
N VAL A 59 -8.01 -0.18 4.87
CA VAL A 59 -7.91 -1.62 5.16
C VAL A 59 -8.51 -1.98 6.50
N GLY A 60 -8.90 -1.02 7.32
CA GLY A 60 -9.53 -1.32 8.59
C GLY A 60 -8.61 -1.76 9.69
N LEU A 61 -7.30 -1.65 9.51
CA LEU A 61 -6.36 -2.20 10.48
C LEU A 61 -5.83 -1.11 11.42
N SER A 62 -5.59 -1.53 12.66
CA SER A 62 -5.05 -0.67 13.70
C SER A 62 -3.54 -0.85 13.77
N ARG A 63 -2.85 0.12 14.38
CA ARG A 63 -1.47 -0.09 14.79
C ARG A 63 -1.29 -1.42 15.50
N LYS A 64 -2.29 -1.78 16.33
CA LYS A 64 -2.18 -2.99 17.12
C LYS A 64 -2.26 -4.26 16.28
N ASP A 65 -2.73 -4.16 15.04
CA ASP A 65 -2.85 -5.34 14.19
C ASP A 65 -1.61 -5.67 13.37
N VAL A 66 -0.58 -4.82 13.34
CA VAL A 66 0.55 -4.95 12.44
C VAL A 66 1.84 -4.66 13.20
N ARG A 67 2.96 -5.06 12.63
CA ARG A 67 4.21 -4.45 13.05
C ARG A 67 4.98 -3.99 11.82
N ILE A 68 5.67 -2.86 11.96
CA ILE A 68 6.47 -2.31 10.88
C ILE A 68 7.76 -3.11 10.78
N LEU A 69 8.02 -3.68 9.60
CA LEU A 69 9.24 -4.45 9.37
C LEU A 69 10.31 -3.66 8.65
N ALA A 70 9.93 -2.69 7.82
CA ALA A 70 10.88 -1.92 7.02
C ALA A 70 10.16 -0.73 6.40
N SER A 71 10.94 0.25 5.95
CA SER A 71 10.42 1.30 5.08
C SER A 71 11.50 1.67 4.07
N THR A 72 11.08 2.28 2.97
CA THR A 72 12.06 2.69 1.96
C THR A 72 12.76 3.97 2.42
N ARG A 73 14.02 4.10 2.01
CA ARG A 73 14.86 5.19 2.51
C ARG A 73 14.55 6.52 1.84
N ASN A 74 14.23 6.50 0.54
CA ASN A 74 14.02 7.71 -0.22
C ASN A 74 12.61 7.76 -0.80
N TRP A 75 12.19 8.94 -1.23
CA TRP A 75 10.99 9.05 -2.04
C TRP A 75 11.17 8.26 -3.33
N LEU A 76 10.15 7.49 -3.69
CA LEU A 76 10.05 6.89 -5.02
C LEU A 76 8.95 7.63 -5.78
N ARG A 77 9.25 8.05 -7.00
CA ARG A 77 8.36 8.92 -7.76
C ARG A 77 7.80 8.21 -8.98
N TYR A 78 6.53 8.47 -9.28
CA TYR A 78 5.96 8.12 -10.57
C TYR A 78 5.12 9.28 -11.06
N LYS A 79 5.10 9.45 -12.38
CA LYS A 79 4.31 10.49 -13.01
C LYS A 79 3.04 9.87 -13.56
N LEU A 80 1.94 10.59 -13.41
CA LEU A 80 0.66 10.12 -13.93
C LEU A 80 0.67 10.17 -15.45
N PRO A 81 -0.10 9.30 -16.11
CA PRO A 81 -0.29 9.45 -17.56
C PRO A 81 -0.92 10.79 -17.88
N LYS A 82 -0.49 11.39 -18.99
CA LYS A 82 -0.95 12.73 -19.35
C LYS A 82 -2.47 12.81 -19.40
N ARG A 83 -3.12 11.82 -20.01
CA ARG A 83 -4.57 11.82 -20.11
C ARG A 83 -5.26 11.58 -18.77
N LEU A 84 -4.53 11.13 -17.76
CA LEU A 84 -5.11 10.81 -16.46
C LEU A 84 -4.92 11.94 -15.44
N VAL A 85 -4.54 13.13 -15.90
CA VAL A 85 -4.36 14.27 -15.01
C VAL A 85 -5.62 15.13 -15.00
N CYS A 93 -1.34 18.43 -10.06
CA CYS A 93 -0.66 17.22 -9.60
C CYS A 93 -0.28 16.31 -10.76
N ILE A 94 1.02 16.24 -11.05
CA ILE A 94 1.52 15.47 -12.18
C ILE A 94 2.02 14.08 -11.78
N GLY A 95 2.13 13.80 -10.49
CA GLY A 95 2.59 12.51 -10.04
C GLY A 95 2.53 12.41 -8.53
N GLN A 96 3.08 11.33 -8.00
CA GLN A 96 3.18 11.15 -6.56
C GLN A 96 4.61 10.75 -6.20
N LYS A 97 5.06 11.20 -5.04
CA LYS A 97 6.33 10.76 -4.47
C LYS A 97 6.01 10.00 -3.19
N GLN A 98 6.55 8.80 -3.06
CA GLN A 98 6.04 7.84 -2.09
C GLN A 98 7.13 7.36 -1.14
N LYS A 99 6.78 7.31 0.14
CA LYS A 99 7.49 6.51 1.12
C LYS A 99 6.69 5.23 1.34
N TRP A 100 7.37 4.09 1.26
CA TRP A 100 6.70 2.80 1.31
C TRP A 100 7.03 2.11 2.63
N PHE A 101 6.02 1.46 3.22
CA PHE A 101 6.18 0.73 4.47
C PHE A 101 5.86 -0.73 4.25
N LEU A 102 6.65 -1.60 4.87
CA LEU A 102 6.39 -3.03 4.91
C LEU A 102 5.82 -3.37 6.29
N LEU A 103 4.60 -3.88 6.32
CA LEU A 103 3.93 -4.25 7.55
C LEU A 103 3.67 -5.75 7.55
N GLN A 104 3.86 -6.39 8.68
CA GLN A 104 3.41 -7.77 8.86
C GLN A 104 2.05 -7.72 9.53
N LEU A 105 1.08 -8.47 8.99
CA LEU A 105 -0.20 -8.61 9.66
C LEU A 105 -0.09 -9.63 10.78
N VAL A 106 -0.29 -9.21 12.03
CA VAL A 106 -0.16 -10.17 13.12
C VAL A 106 -1.53 -10.59 13.67
N SER A 107 -2.55 -9.74 13.52
CA SER A 107 -3.92 -10.14 13.82
C SER A 107 -4.47 -11.08 12.75
N GLY A 108 -5.69 -11.58 12.98
CA GLY A 108 -6.32 -12.45 12.01
C GLY A 108 -6.67 -11.74 10.72
N ASP A 109 -6.73 -12.53 9.65
CA ASP A 109 -7.22 -12.06 8.34
C ASP A 109 -8.55 -11.33 8.48
N ALA A 110 -9.41 -11.82 9.37
CA ALA A 110 -10.75 -11.26 9.53
C ALA A 110 -10.74 -9.80 9.97
N GLU A 111 -9.60 -9.30 10.47
CA GLU A 111 -9.54 -7.90 10.85
C GLU A 111 -9.52 -6.96 9.66
N ILE A 112 -9.12 -7.42 8.47
CA ILE A 112 -9.13 -6.53 7.30
C ILE A 112 -10.57 -6.20 6.96
N ASN A 113 -10.85 -4.90 6.82
CA ASN A 113 -12.19 -4.37 6.59
C ASN A 113 -12.05 -3.17 5.68
N MET A 114 -12.55 -3.29 4.46
N MET A 114 -12.65 -3.21 4.51
CA MET A 114 -12.51 -2.21 3.46
CA MET A 114 -12.55 -2.14 3.53
C MET A 114 -13.69 -1.27 3.53
C MET A 114 -13.52 -0.98 3.75
N GLN A 115 -14.82 -1.75 4.05
N GLN A 115 -14.34 -1.01 4.79
CA GLN A 115 -16.10 -1.13 3.80
CA GLN A 115 -15.44 -0.07 4.95
C GLN A 115 -16.61 -0.28 4.96
C GLN A 115 -15.46 0.62 6.31
N THR A 116 -15.72 0.40 5.69
N THR A 116 -14.30 0.99 6.84
CA THR A 116 -16.25 1.39 6.63
CA THR A 116 -14.30 1.71 8.11
C THR A 116 -16.72 2.64 5.90
C THR A 116 -14.38 3.22 7.94
N SER A 117 -16.02 3.06 4.85
N SER A 117 -14.26 3.71 6.71
CA SER A 117 -16.44 4.24 4.10
CA SER A 117 -14.24 5.14 6.41
C SER A 117 -17.57 3.90 3.13
C SER A 117 -15.47 5.48 5.58
N SER A 118 -18.50 4.83 2.97
N SER A 118 -15.76 6.77 5.48
CA SER A 118 -19.55 4.67 1.97
CA SER A 118 -16.88 7.15 4.65
C SER A 118 -18.99 4.73 0.56
C SER A 118 -16.54 7.21 3.17
N THR A 119 -17.86 5.41 0.36
N THR A 119 -15.27 7.00 2.79
CA THR A 119 -17.11 5.38 -0.90
CA THR A 119 -14.87 6.96 1.38
C THR A 119 -15.70 4.86 -0.60
C THR A 119 -13.99 5.74 1.13
N PRO A 120 -15.57 3.58 -0.29
N PRO A 120 -14.59 4.55 1.01
CA PRO A 120 -14.25 3.04 0.10
CA PRO A 120 -13.79 3.36 0.70
C PRO A 120 -13.30 3.04 -1.08
C PRO A 120 -13.20 3.41 -0.70
N GLU A 121 -12.01 2.82 -0.81
CA GLU A 121 -11.15 2.82 -1.99
C GLU A 121 -10.97 1.43 -2.57
N PHE A 122 -11.36 0.39 -1.85
CA PHE A 122 -11.22 -0.98 -2.28
C PHE A 122 -12.52 -1.73 -2.05
N ASP A 123 -12.80 -2.71 -2.93
CA ASP A 123 -13.92 -3.61 -2.72
C ASP A 123 -13.57 -4.74 -1.74
N GLY A 124 -12.30 -5.13 -1.69
CA GLY A 124 -11.91 -6.33 -0.97
C GLY A 124 -10.50 -6.70 -1.38
N TRP A 125 -10.08 -7.89 -0.97
CA TRP A 125 -8.65 -8.24 -1.02
C TRP A 125 -8.48 -9.76 -1.10
N ARG A 126 -7.26 -10.16 -1.44
CA ARG A 126 -6.80 -11.53 -1.26
C ARG A 126 -5.30 -11.53 -1.09
N TRP A 127 -4.78 -12.66 -0.60
CA TRP A 127 -3.34 -12.90 -0.59
C TRP A 127 -2.85 -13.30 -1.97
N VAL A 128 -1.69 -12.75 -2.37
CA VAL A 128 -1.05 -13.13 -3.62
C VAL A 128 0.42 -13.45 -3.37
N SER A 129 1.00 -14.22 -4.28
CA SER A 129 2.42 -14.54 -4.21
C SER A 129 3.25 -13.27 -4.32
N TYR A 130 4.45 -13.32 -3.73
CA TYR A 130 5.24 -12.11 -3.54
C TYR A 130 5.55 -11.39 -4.86
N TRP A 131 5.81 -12.12 -5.94
N TRP A 131 5.79 -12.15 -5.92
CA TRP A 131 6.18 -11.47 -7.19
CA TRP A 131 6.17 -11.58 -7.22
C TRP A 131 5.01 -11.35 -8.16
C TRP A 131 4.98 -10.97 -7.96
N TYR A 132 3.78 -11.45 -7.66
CA TYR A 132 2.61 -11.19 -8.50
C TYR A 132 2.36 -9.69 -8.73
N PRO A 133 2.49 -8.81 -7.72
CA PRO A 133 2.15 -7.39 -7.93
C PRO A 133 2.93 -6.68 -9.03
N VAL A 134 4.21 -7.00 -9.20
CA VAL A 134 5.05 -6.24 -10.14
C VAL A 134 4.47 -6.29 -11.55
N ARG A 135 4.04 -7.46 -12.01
CA ARG A 135 3.52 -7.58 -13.36
C ARG A 135 2.00 -7.42 -13.46
N GLN A 136 1.31 -7.25 -12.33
CA GLN A 136 -0.13 -7.06 -12.35
C GLN A 136 -0.56 -5.61 -12.13
N VAL A 137 0.27 -4.79 -11.48
CA VAL A 137 -0.12 -3.40 -11.26
C VAL A 137 -0.16 -2.63 -12.57
N VAL A 138 -0.93 -1.53 -12.58
CA VAL A 138 -1.04 -0.67 -13.74
C VAL A 138 0.36 -0.24 -14.18
N SER A 139 0.53 -0.06 -15.50
CA SER A 139 1.85 0.11 -16.08
C SER A 139 2.63 1.26 -15.46
N PHE A 140 1.96 2.38 -15.16
CA PHE A 140 2.73 3.55 -14.74
C PHE A 140 3.26 3.47 -13.31
N LYS A 141 2.87 2.43 -12.54
CA LYS A 141 3.44 2.23 -11.21
C LYS A 141 4.47 1.11 -11.17
N ARG A 142 4.65 0.38 -12.28
CA ARG A 142 5.45 -0.84 -12.29
C ARG A 142 6.88 -0.58 -11.83
N ASP A 143 7.49 0.51 -12.31
CA ASP A 143 8.88 0.76 -11.94
C ASP A 143 9.02 1.04 -10.46
N VAL A 144 8.04 1.73 -9.87
CA VAL A 144 8.08 1.90 -8.42
C VAL A 144 7.88 0.56 -7.74
N TYR A 145 6.90 -0.24 -8.21
CA TYR A 145 6.61 -1.49 -7.53
C TYR A 145 7.81 -2.42 -7.57
N ARG A 146 8.42 -2.58 -8.75
CA ARG A 146 9.65 -3.35 -8.90
C ARG A 146 10.67 -2.97 -7.84
N ARG A 147 10.88 -1.66 -7.63
CA ARG A 147 11.89 -1.25 -6.66
C ARG A 147 11.44 -1.62 -5.24
N VAL A 148 10.18 -1.32 -4.93
CA VAL A 148 9.66 -1.58 -3.58
C VAL A 148 9.81 -3.05 -3.25
N MET A 149 9.32 -3.92 -4.13
CA MET A 149 9.38 -5.35 -3.83
C MET A 149 10.82 -5.81 -3.69
N LYS A 150 11.72 -5.22 -4.50
CA LYS A 150 13.12 -5.62 -4.39
C LYS A 150 13.67 -5.25 -3.03
N GLU A 151 13.29 -4.09 -2.52
CA GLU A 151 13.80 -3.68 -1.23
C GLU A 151 13.21 -4.52 -0.11
N PHE A 152 12.00 -5.04 -0.29
CA PHE A 152 11.33 -5.71 0.83
C PHE A 152 11.53 -7.22 0.82
N ALA A 153 12.06 -7.76 -0.27
CA ALA A 153 11.97 -9.19 -0.53
C ALA A 153 12.64 -9.99 0.57
N SER A 154 13.89 -9.64 0.91
CA SER A 154 14.63 -10.41 1.90
C SER A 154 13.88 -10.48 3.22
N VAL A 155 13.21 -9.39 3.61
CA VAL A 155 12.50 -9.43 4.89
C VAL A 155 11.31 -10.38 4.80
N VAL A 156 10.52 -10.28 3.73
CA VAL A 156 9.33 -11.11 3.63
C VAL A 156 9.73 -12.58 3.58
N MET A 157 10.77 -12.89 2.80
CA MET A 157 11.20 -14.28 2.71
C MET A 157 11.72 -14.79 4.04
N SER A 158 12.31 -13.92 4.86
CA SER A 158 12.79 -14.36 6.17
CA SER A 158 12.79 -14.38 6.16
C SER A 158 11.64 -14.84 7.05
N LEU A 159 10.47 -14.21 6.90
CA LEU A 159 9.33 -14.64 7.69
C LEU A 159 8.80 -15.99 7.22
N ALA A 160 9.07 -16.35 5.97
CA ALA A 160 8.49 -17.55 5.40
C ALA A 160 9.43 -18.74 5.51
N ALA A 161 10.64 -18.53 6.02
N ALA A 161 10.64 -18.53 6.01
CA ALA A 161 11.64 -19.59 6.14
CA ALA A 161 11.65 -19.58 6.07
C ALA A 161 11.29 -20.57 7.25
C ALA A 161 11.34 -20.58 7.18
#